data_8G6Z
#
_entry.id   8G6Z
#
_cell.length_a   98.090
_cell.length_b   36.460
_cell.length_c   183.730
_cell.angle_alpha   90.00
_cell.angle_beta   94.02
_cell.angle_gamma   90.00
#
_symmetry.space_group_name_H-M   'C 1 2 1'
#
loop_
_entity.id
_entity.type
_entity.pdbx_description
1 polymer 'Tyrosine-protein kinase JAK2'
2 non-polymer (3R)-3-cyclopentyl-3-[(4M)-4-{5-methyl-2-[(1-methyl-1H-pyrazol-4-yl)amino]pyrimidin-4-yl}-1H-pyrazol-1-yl]propanenitrile
3 non-polymer 1,2-ETHANEDIOL
4 water water
#
_entity_poly.entity_id   1
_entity_poly.type   'polypeptide(L)'
_entity_poly.pdbx_seq_one_letter_code
;MHHHHHHTSLYKKAGFLVPRGSEDRDPTQFEERHLKFLQQLGKGNFGSVEMCRYDPLQDNTGEVVAVKKLQHSTEEHLRD
FEREIEILKSLQHDNIVKYKGVCYSAGRRNLKLIMEYLPYGSLRDYLQKHKERIDHIKLLQYTSQICKGMEYLGTKRYIH
RDLATRNILVENENRVKIGDFGLTKVLPQDKE(PTR)YKVKEPGESPIFWYAPESLTESKFSVASDVWSFGVVLYELFTY
IEKSKSPPAEFMRMIGNDKQGQSIVTHLIELLKNNGRLPRPDGCPDEIYMIMTECWNNNVNQRPSFRDLALRVDQIRDQM
AG
;
_entity_poly.pdbx_strand_id   A,B
#
# COMPACT_ATOMS: atom_id res chain seq x y z
N GLN A 29 -2.14 15.56 -9.84
CA GLN A 29 -3.00 15.60 -11.07
C GLN A 29 -4.18 16.55 -10.83
N PHE A 30 -5.01 16.26 -9.82
CA PHE A 30 -6.23 17.04 -9.46
C PHE A 30 -6.07 17.57 -8.03
N GLU A 31 -6.39 18.83 -7.80
CA GLU A 31 -6.32 19.47 -6.44
C GLU A 31 -7.68 19.40 -5.75
N GLU A 32 -7.67 19.09 -4.45
CA GLU A 32 -8.89 18.96 -3.60
C GLU A 32 -9.64 20.30 -3.52
N ARG A 33 -8.92 21.43 -3.45
CA ARG A 33 -9.53 22.78 -3.29
C ARG A 33 -10.40 23.11 -4.51
N HIS A 34 -10.09 22.53 -5.68
CA HIS A 34 -10.84 22.80 -6.92
C HIS A 34 -11.95 21.76 -7.11
N LEU A 35 -11.97 20.71 -6.28
CA LEU A 35 -12.95 19.61 -6.41
C LEU A 35 -14.26 20.07 -5.75
N LYS A 36 -15.29 20.37 -6.54
CA LYS A 36 -16.57 20.92 -6.01
C LYS A 36 -17.61 19.80 -5.96
N PHE A 37 -18.01 19.36 -4.76
CA PHE A 37 -19.05 18.32 -4.58
C PHE A 37 -20.36 18.80 -5.23
N LEU A 38 -21.05 17.89 -5.92
CA LEU A 38 -22.33 18.20 -6.60
C LEU A 38 -23.42 17.28 -6.05
N GLN A 39 -23.24 15.97 -6.12
CA GLN A 39 -24.23 15.00 -5.59
C GLN A 39 -23.60 13.62 -5.42
N GLN A 40 -24.26 12.78 -4.62
CA GLN A 40 -23.87 11.38 -4.33
C GLN A 40 -24.33 10.51 -5.50
N LEU A 41 -23.43 9.69 -6.06
CA LEU A 41 -23.75 8.87 -7.25
C LEU A 41 -23.87 7.40 -6.82
N GLY A 42 -22.97 6.93 -5.97
CA GLY A 42 -23.01 5.54 -5.49
C GLY A 42 -22.25 5.37 -4.20
N LYS A 43 -22.66 4.39 -3.40
CA LYS A 43 -21.98 4.03 -2.13
C LYS A 43 -22.00 2.52 -1.97
N GLY A 44 -20.95 1.96 -1.37
CA GLY A 44 -20.86 0.53 -1.07
C GLY A 44 -19.42 0.03 -1.13
N ASN A 45 -19.20 -1.20 -0.67
CA ASN A 45 -17.85 -1.84 -0.66
C ASN A 45 -16.86 -0.84 -0.05
N PHE A 46 -17.17 -0.31 1.13
CA PHE A 46 -16.26 0.58 1.88
C PHE A 46 -15.88 1.77 0.99
N GLY A 47 -16.81 2.21 0.14
CA GLY A 47 -16.51 3.25 -0.85
C GLY A 47 -17.74 4.03 -1.29
N SER A 48 -17.51 5.20 -1.88
CA SER A 48 -18.59 6.06 -2.39
C SER A 48 -18.09 6.79 -3.64
N VAL A 49 -18.97 7.02 -4.60
CA VAL A 49 -18.63 7.83 -5.80
C VAL A 49 -19.48 9.12 -5.73
N GLU A 50 -18.84 10.26 -5.97
CA GLU A 50 -19.51 11.58 -5.93
C GLU A 50 -19.34 12.28 -7.27
N MET A 51 -20.42 12.88 -7.77
CA MET A 51 -20.36 13.79 -8.94
C MET A 51 -19.73 15.08 -8.43
N CYS A 52 -18.59 15.47 -8.99
CA CYS A 52 -17.89 16.72 -8.60
C CYS A 52 -17.57 17.51 -9.87
N ARG A 53 -17.49 18.83 -9.75
CA ARG A 53 -16.91 19.69 -10.82
C ARG A 53 -15.44 20.01 -10.49
N TYR A 54 -14.53 19.78 -11.42
CA TYR A 54 -13.14 20.24 -11.24
C TYR A 54 -13.05 21.64 -11.84
N ASP A 55 -13.07 22.66 -10.98
CA ASP A 55 -13.09 24.08 -11.41
C ASP A 55 -11.84 24.77 -10.87
N PRO A 56 -10.66 24.57 -11.51
CA PRO A 56 -9.43 25.18 -11.02
C PRO A 56 -9.33 26.70 -11.33
N LEU A 57 -10.29 27.22 -12.09
CA LEU A 57 -10.34 28.65 -12.49
C LEU A 57 -11.49 29.34 -11.74
N GLN A 58 -12.27 28.61 -10.93
CA GLN A 58 -13.41 29.16 -10.16
C GLN A 58 -14.29 30.03 -11.07
N ASP A 59 -15.01 29.41 -11.99
CA ASP A 59 -16.00 30.12 -12.84
C ASP A 59 -17.33 29.34 -12.86
N ASN A 60 -17.38 28.16 -12.24
CA ASN A 60 -18.59 27.30 -12.22
C ASN A 60 -18.71 26.61 -13.57
N THR A 61 -17.68 26.61 -14.43
CA THR A 61 -17.81 26.12 -15.82
C THR A 61 -16.85 24.95 -16.07
N GLY A 62 -16.16 24.48 -15.05
CA GLY A 62 -15.17 23.39 -15.19
C GLY A 62 -15.85 22.10 -15.63
N GLU A 63 -15.10 20.99 -15.70
CA GLU A 63 -15.63 19.69 -16.18
C GLU A 63 -16.12 18.84 -14.99
N VAL A 64 -17.37 18.38 -15.08
CA VAL A 64 -17.97 17.40 -14.13
C VAL A 64 -17.19 16.07 -14.20
N VAL A 65 -16.90 15.47 -13.06
CA VAL A 65 -16.14 14.19 -13.02
C VAL A 65 -16.74 13.30 -11.94
N ALA A 66 -16.34 12.03 -11.94
CA ALA A 66 -16.70 11.06 -10.87
C ALA A 66 -15.50 10.95 -9.90
N VAL A 67 -15.78 10.95 -8.61
CA VAL A 67 -14.73 10.88 -7.56
C VAL A 67 -15.05 9.70 -6.65
N LYS A 68 -14.21 8.66 -6.68
CA LYS A 68 -14.38 7.50 -5.74
C LYS A 68 -13.53 7.75 -4.50
N LYS A 69 -14.05 7.45 -3.32
CA LYS A 69 -13.32 7.67 -2.05
C LYS A 69 -13.60 6.50 -1.11
N LEU A 70 -12.73 6.28 -0.12
CA LEU A 70 -12.84 5.16 0.83
C LEU A 70 -13.76 5.55 1.99
N GLN A 71 -14.55 4.60 2.47
CA GLN A 71 -15.44 4.76 3.65
C GLN A 71 -14.95 3.73 4.67
N HIS A 72 -14.82 4.12 5.95
CA HIS A 72 -14.25 3.25 7.01
C HIS A 72 -12.83 2.85 6.59
N SER A 73 -12.00 3.82 6.21
CA SER A 73 -10.63 3.56 5.68
C SER A 73 -9.80 2.70 6.65
N THR A 74 -9.01 1.79 6.12
CA THR A 74 -8.00 1.01 6.86
C THR A 74 -6.76 0.95 5.98
N GLU A 75 -5.57 0.76 6.56
CA GLU A 75 -4.35 0.57 5.75
C GLU A 75 -4.61 -0.55 4.74
N GLU A 76 -5.33 -1.60 5.16
CA GLU A 76 -5.66 -2.75 4.30
C GLU A 76 -6.57 -2.25 3.16
N HIS A 77 -7.60 -1.48 3.50
CA HIS A 77 -8.55 -0.97 2.48
C HIS A 77 -7.80 -0.02 1.55
N LEU A 78 -6.90 0.80 2.10
CA LEU A 78 -6.15 1.82 1.31
C LEU A 78 -5.25 1.08 0.32
N ARG A 79 -4.64 -0.02 0.74
CA ARG A 79 -3.74 -0.82 -0.13
C ARG A 79 -4.58 -1.40 -1.29
N ASP A 80 -5.76 -1.93 -0.99
CA ASP A 80 -6.68 -2.46 -2.03
C ASP A 80 -7.08 -1.34 -2.98
N PHE A 81 -7.35 -0.15 -2.47
CA PHE A 81 -7.79 1.01 -3.28
C PHE A 81 -6.66 1.44 -4.21
N GLU A 82 -5.41 1.42 -3.72
CA GLU A 82 -4.24 1.78 -4.54
C GLU A 82 -4.12 0.80 -5.70
N ARG A 83 -4.36 -0.48 -5.43
CA ARG A 83 -4.32 -1.54 -6.47
C ARG A 83 -5.47 -1.31 -7.44
N GLU A 84 -6.64 -0.92 -6.92
CA GLU A 84 -7.84 -0.65 -7.75
C GLU A 84 -7.49 0.47 -8.72
N ILE A 85 -6.85 1.52 -8.21
CA ILE A 85 -6.52 2.71 -9.04
C ILE A 85 -5.57 2.25 -10.14
N GLU A 86 -4.58 1.43 -9.79
CA GLU A 86 -3.55 0.99 -10.77
C GLU A 86 -4.23 0.09 -11.80
N ILE A 87 -5.19 -0.72 -11.37
CA ILE A 87 -5.94 -1.64 -12.28
C ILE A 87 -6.66 -0.79 -13.32
N LEU A 88 -7.39 0.25 -12.89
CA LEU A 88 -8.19 1.10 -13.82
C LEU A 88 -7.26 1.97 -14.69
N LYS A 89 -6.09 2.37 -14.16
CA LYS A 89 -5.09 3.15 -14.91
C LYS A 89 -4.57 2.33 -16.11
N SER A 90 -4.43 1.02 -15.96
CA SER A 90 -3.92 0.11 -17.03
C SER A 90 -5.02 -0.16 -18.07
N LEU A 91 -6.29 0.14 -17.74
CA LEU A 91 -7.45 -0.14 -18.63
C LEU A 91 -7.80 1.09 -19.49
N GLN A 92 -7.73 0.89 -20.81
CA GLN A 92 -8.25 1.83 -21.82
C GLN A 92 -9.09 1.01 -22.79
N HIS A 93 -10.42 1.19 -22.74
CA HIS A 93 -11.36 0.44 -23.60
C HIS A 93 -12.71 1.17 -23.62
N ASP A 94 -13.39 1.21 -24.76
CA ASP A 94 -14.66 1.94 -24.95
C ASP A 94 -15.71 1.51 -23.92
N ASN A 95 -15.62 0.29 -23.38
CA ASN A 95 -16.66 -0.30 -22.51
C ASN A 95 -16.14 -0.38 -21.07
N ILE A 96 -15.16 0.44 -20.71
CA ILE A 96 -14.63 0.57 -19.33
C ILE A 96 -14.55 2.07 -18.99
N VAL A 97 -15.10 2.47 -17.85
CA VAL A 97 -15.09 3.87 -17.37
C VAL A 97 -13.63 4.36 -17.43
N LYS A 98 -13.43 5.62 -17.80
CA LYS A 98 -12.09 6.15 -18.12
C LYS A 98 -11.44 6.75 -16.89
N TYR A 99 -10.27 6.23 -16.53
CA TYR A 99 -9.35 6.77 -15.50
C TYR A 99 -8.99 8.20 -15.90
N LYS A 100 -9.15 9.17 -15.00
CA LYS A 100 -8.69 10.56 -15.28
C LYS A 100 -7.45 10.88 -14.45
N GLY A 101 -7.41 10.43 -13.20
CA GLY A 101 -6.28 10.77 -12.32
C GLY A 101 -6.55 10.45 -10.87
N VAL A 102 -5.80 11.09 -9.97
CA VAL A 102 -5.90 10.85 -8.50
C VAL A 102 -5.80 12.20 -7.78
N CYS A 103 -6.35 12.30 -6.57
CA CYS A 103 -6.29 13.54 -5.76
C CYS A 103 -5.66 13.24 -4.40
N TYR A 104 -4.55 13.88 -4.06
CA TYR A 104 -3.85 13.69 -2.77
C TYR A 104 -4.23 14.81 -1.81
N ARG A 109 -4.76 8.60 3.26
CA ARG A 109 -6.09 7.99 3.52
C ARG A 109 -7.20 8.90 2.99
N ASN A 110 -6.85 10.07 2.48
CA ASN A 110 -7.80 10.98 1.80
C ASN A 110 -7.65 10.82 0.29
N LEU A 111 -6.94 9.78 -0.14
CA LEU A 111 -6.72 9.50 -1.59
C LEU A 111 -8.09 9.36 -2.29
N LYS A 112 -8.25 10.05 -3.41
CA LYS A 112 -9.51 10.01 -4.20
C LYS A 112 -9.18 9.64 -5.65
N LEU A 113 -9.89 8.66 -6.20
CA LEU A 113 -9.77 8.25 -7.63
C LEU A 113 -10.72 9.11 -8.47
N ILE A 114 -10.23 9.71 -9.52
CA ILE A 114 -11.04 10.61 -10.39
C ILE A 114 -11.29 9.89 -11.72
N MET A 115 -12.54 9.77 -12.11
CA MET A 115 -12.90 9.10 -13.38
C MET A 115 -13.80 10.03 -14.18
N GLU A 116 -14.05 9.71 -15.45
CA GLU A 116 -15.07 10.41 -16.27
C GLU A 116 -16.45 10.25 -15.59
N TYR A 117 -17.35 11.18 -15.86
CA TYR A 117 -18.75 11.13 -15.34
C TYR A 117 -19.64 10.61 -16.46
N LEU A 118 -20.28 9.46 -16.23
CA LEU A 118 -21.25 8.89 -17.20
C LEU A 118 -22.63 9.38 -16.77
N PRO A 119 -23.27 10.24 -17.58
CA PRO A 119 -24.49 10.95 -17.16
C PRO A 119 -25.75 10.12 -16.86
N TYR A 120 -25.94 8.96 -17.49
CA TYR A 120 -27.21 8.17 -17.38
C TYR A 120 -27.16 7.17 -16.23
N GLY A 121 -26.00 7.02 -15.57
CA GLY A 121 -25.88 6.23 -14.32
C GLY A 121 -25.85 4.73 -14.56
N SER A 122 -26.22 3.94 -13.54
CA SER A 122 -26.11 2.45 -13.55
C SER A 122 -27.15 1.87 -14.51
N LEU A 123 -26.76 0.87 -15.27
CA LEU A 123 -27.68 0.16 -16.17
C LEU A 123 -28.87 -0.40 -15.36
N ARG A 124 -28.62 -0.88 -14.14
CA ARG A 124 -29.69 -1.47 -13.29
C ARG A 124 -30.83 -0.47 -13.12
N ASP A 125 -30.52 0.75 -12.70
CA ASP A 125 -31.54 1.83 -12.48
C ASP A 125 -32.06 2.35 -13.83
N TYR A 126 -31.22 2.46 -14.84
CA TYR A 126 -31.59 2.94 -16.19
C TYR A 126 -32.60 1.98 -16.85
N LEU A 127 -32.33 0.68 -16.78
CA LEU A 127 -33.22 -0.35 -17.36
C LEU A 127 -34.54 -0.34 -16.59
N GLN A 128 -34.46 -0.33 -15.25
CA GLN A 128 -35.64 -0.33 -14.37
C GLN A 128 -36.53 0.89 -14.71
N LYS A 129 -35.94 2.03 -15.11
CA LYS A 129 -36.70 3.29 -15.36
C LYS A 129 -37.13 3.39 -16.83
N HIS A 130 -36.38 2.83 -17.77
CA HIS A 130 -36.60 3.03 -19.23
C HIS A 130 -37.02 1.73 -19.91
N LYS A 131 -37.38 0.68 -19.15
CA LYS A 131 -37.65 -0.68 -19.71
C LYS A 131 -38.62 -0.61 -20.89
N GLU A 132 -39.69 0.19 -20.82
CA GLU A 132 -40.73 0.24 -21.88
C GLU A 132 -40.13 0.71 -23.22
N ARG A 133 -38.96 1.37 -23.22
CA ARG A 133 -38.34 1.93 -24.44
C ARG A 133 -37.16 1.03 -24.88
N ILE A 134 -36.93 -0.06 -24.16
CA ILE A 134 -35.77 -0.97 -24.41
C ILE A 134 -36.29 -2.35 -24.84
N ASP A 135 -36.06 -2.72 -26.10
CA ASP A 135 -36.47 -4.05 -26.61
C ASP A 135 -35.25 -4.99 -26.54
N HIS A 136 -35.41 -6.23 -26.99
CA HIS A 136 -34.42 -7.32 -26.86
C HIS A 136 -33.14 -6.96 -27.63
N ILE A 137 -33.27 -6.27 -28.76
CA ILE A 137 -32.11 -5.86 -29.59
C ILE A 137 -31.20 -4.97 -28.75
N LYS A 138 -31.75 -4.00 -28.01
CA LYS A 138 -30.99 -3.08 -27.15
C LYS A 138 -30.32 -3.88 -26.03
N LEU A 139 -31.04 -4.83 -25.44
CA LEU A 139 -30.46 -5.69 -24.38
C LEU A 139 -29.20 -6.41 -24.91
N LEU A 140 -29.24 -6.86 -26.16
CA LEU A 140 -28.10 -7.56 -26.79
C LEU A 140 -26.96 -6.59 -27.02
N GLN A 141 -27.27 -5.34 -27.41
CA GLN A 141 -26.24 -4.30 -27.56
C GLN A 141 -25.56 -4.10 -26.20
N TYR A 142 -26.33 -3.97 -25.11
CA TYR A 142 -25.76 -3.84 -23.75
C TYR A 142 -24.93 -5.08 -23.45
N THR A 143 -25.51 -6.28 -23.62
CA THR A 143 -24.81 -7.55 -23.34
C THR A 143 -23.49 -7.61 -24.14
N SER A 144 -23.52 -7.23 -25.41
CA SER A 144 -22.33 -7.29 -26.29
C SER A 144 -21.22 -6.40 -25.71
N GLN A 145 -21.54 -5.19 -25.25
CA GLN A 145 -20.54 -4.22 -24.74
C GLN A 145 -19.94 -4.73 -23.43
N ILE A 146 -20.75 -5.34 -22.58
CA ILE A 146 -20.26 -5.94 -21.30
C ILE A 146 -19.25 -7.05 -21.63
N CYS A 147 -19.57 -7.93 -22.57
CA CYS A 147 -18.69 -9.06 -22.97
C CYS A 147 -17.35 -8.52 -23.45
N LYS A 148 -17.37 -7.54 -24.36
CA LYS A 148 -16.14 -6.95 -24.92
C LYS A 148 -15.34 -6.29 -23.79
N GLY A 149 -16.01 -5.69 -22.81
CA GLY A 149 -15.28 -5.14 -21.65
C GLY A 149 -14.62 -6.26 -20.87
N MET A 150 -15.34 -7.37 -20.70
CA MET A 150 -14.83 -8.53 -19.92
C MET A 150 -13.72 -9.25 -20.69
N GLU A 151 -13.83 -9.33 -22.01
CA GLU A 151 -12.81 -9.96 -22.88
C GLU A 151 -11.52 -9.17 -22.74
N TYR A 152 -11.62 -7.84 -22.79
CA TYR A 152 -10.44 -6.94 -22.62
C TYR A 152 -9.81 -7.24 -21.26
N LEU A 153 -10.62 -7.26 -20.20
CA LEU A 153 -10.19 -7.59 -18.81
C LEU A 153 -9.40 -8.90 -18.82
N GLY A 154 -9.95 -9.89 -19.55
CA GLY A 154 -9.31 -11.20 -19.74
C GLY A 154 -7.87 -11.03 -20.15
N THR A 155 -7.60 -10.17 -21.14
CA THR A 155 -6.28 -10.02 -21.79
C THR A 155 -5.24 -9.51 -20.77
N LYS A 156 -5.67 -8.90 -19.68
CA LYS A 156 -4.75 -8.38 -18.63
C LYS A 156 -4.73 -9.37 -17.46
N ARG A 157 -5.44 -10.48 -17.55
CA ARG A 157 -5.51 -11.52 -16.48
C ARG A 157 -6.13 -10.87 -15.22
N TYR A 158 -7.13 -10.03 -15.42
CA TYR A 158 -7.93 -9.45 -14.31
C TYR A 158 -9.25 -10.22 -14.18
N ILE A 159 -9.63 -10.50 -12.94
CA ILE A 159 -10.95 -11.08 -12.59
C ILE A 159 -11.74 -10.02 -11.84
N HIS A 160 -12.91 -9.63 -12.34
CA HIS A 160 -13.75 -8.55 -11.77
C HIS A 160 -14.26 -8.97 -10.38
N ARG A 161 -14.90 -10.15 -10.29
CA ARG A 161 -15.46 -10.73 -9.04
C ARG A 161 -16.73 -10.00 -8.62
N ASP A 162 -17.24 -9.07 -9.44
CA ASP A 162 -18.44 -8.27 -9.04
C ASP A 162 -19.25 -7.89 -10.29
N LEU A 163 -19.34 -8.80 -11.26
CA LEU A 163 -20.01 -8.48 -12.55
C LEU A 163 -21.52 -8.50 -12.33
N ALA A 164 -22.17 -7.34 -12.35
CA ALA A 164 -23.62 -7.18 -12.13
C ALA A 164 -24.06 -5.88 -12.78
N THR A 165 -25.35 -5.77 -13.13
CA THR A 165 -25.90 -4.57 -13.83
C THR A 165 -25.63 -3.32 -12.96
N ARG A 166 -25.50 -3.48 -11.64
CA ARG A 166 -25.26 -2.34 -10.71
C ARG A 166 -23.82 -1.82 -10.86
N ASN A 167 -22.92 -2.59 -11.48
CA ASN A 167 -21.53 -2.15 -11.70
C ASN A 167 -21.32 -1.79 -13.17
N ILE A 168 -22.41 -1.68 -13.93
CA ILE A 168 -22.36 -1.24 -15.36
C ILE A 168 -22.97 0.16 -15.44
N LEU A 169 -22.42 1.05 -16.26
CA LEU A 169 -22.86 2.47 -16.31
C LEU A 169 -23.29 2.84 -17.75
N VAL A 170 -24.29 3.69 -17.89
CA VAL A 170 -24.79 4.13 -19.21
C VAL A 170 -24.18 5.51 -19.55
N GLU A 171 -23.45 5.60 -20.66
CA GLU A 171 -22.85 6.88 -21.11
C GLU A 171 -23.86 7.56 -22.02
N ASN A 172 -24.42 6.80 -22.95
CA ASN A 172 -25.43 7.27 -23.92
C ASN A 172 -26.34 6.10 -24.23
N GLU A 173 -27.40 6.32 -25.00
CA GLU A 173 -28.34 5.21 -25.34
C GLU A 173 -27.63 4.09 -26.08
N ASN A 174 -26.43 4.34 -26.61
CA ASN A 174 -25.74 3.32 -27.47
C ASN A 174 -24.46 2.84 -26.82
N ARG A 175 -24.14 3.24 -25.59
CA ARG A 175 -22.83 2.86 -24.99
C ARG A 175 -22.96 2.59 -23.49
N VAL A 176 -22.56 1.41 -23.03
CA VAL A 176 -22.43 1.08 -21.59
C VAL A 176 -20.95 0.79 -21.29
N LYS A 177 -20.54 0.97 -20.04
CA LYS A 177 -19.15 0.66 -19.58
C LYS A 177 -19.24 -0.05 -18.24
N ILE A 178 -18.22 -0.84 -17.90
CA ILE A 178 -18.08 -1.39 -16.52
C ILE A 178 -17.51 -0.26 -15.68
N GLY A 179 -18.14 0.08 -14.54
CA GLY A 179 -17.87 1.36 -13.84
C GLY A 179 -17.21 1.19 -12.49
N ASP A 180 -17.01 -0.04 -12.00
CA ASP A 180 -16.32 -0.25 -10.71
C ASP A 180 -15.46 -1.49 -10.78
N PHE A 181 -14.32 -1.47 -10.05
CA PHE A 181 -13.33 -2.57 -9.98
C PHE A 181 -12.85 -2.71 -8.54
N GLY A 182 -13.78 -2.52 -7.59
CA GLY A 182 -13.54 -2.61 -6.14
C GLY A 182 -13.11 -4.00 -5.65
N LEU A 183 -13.52 -5.08 -6.33
CA LEU A 183 -13.17 -6.46 -5.93
C LEU A 183 -12.25 -7.10 -6.98
N THR A 184 -11.85 -6.35 -8.01
CA THR A 184 -10.98 -6.86 -9.11
C THR A 184 -9.60 -7.27 -8.56
N LYS A 185 -9.07 -8.39 -9.06
CA LYS A 185 -7.79 -9.04 -8.64
C LYS A 185 -6.99 -9.46 -9.87
N VAL A 186 -5.66 -9.33 -9.80
CA VAL A 186 -4.72 -9.79 -10.85
C VAL A 186 -4.44 -11.27 -10.54
N LEU A 187 -4.67 -12.17 -11.51
CA LEU A 187 -4.28 -13.60 -11.39
C LEU A 187 -2.79 -13.68 -11.10
N PRO A 188 -2.32 -14.61 -10.24
CA PRO A 188 -0.89 -14.87 -10.07
C PRO A 188 -0.29 -15.34 -11.41
N GLN A 189 1.03 -15.20 -11.57
CA GLN A 189 1.76 -15.54 -12.82
C GLN A 189 1.69 -17.05 -13.09
N ASP A 190 1.36 -17.87 -12.09
CA ASP A 190 1.50 -19.36 -12.11
C ASP A 190 0.15 -20.08 -11.89
N LYS A 191 -0.99 -19.37 -11.84
CA LYS A 191 -2.33 -19.97 -11.55
C LYS A 191 -3.42 -19.29 -12.41
N GLU A 192 -4.51 -20.02 -12.68
CA GLU A 192 -5.65 -19.54 -13.52
C GLU A 192 -6.82 -19.11 -12.64
N TYR A 194 -7.72 -16.97 -8.56
CA TYR A 194 -7.30 -16.27 -7.36
C TYR A 194 -8.21 -16.70 -6.22
N LYS A 195 -7.65 -17.16 -5.09
CA LYS A 195 -8.40 -17.44 -3.82
C LYS A 195 -8.31 -16.20 -2.91
N VAL A 196 -9.46 -15.79 -2.33
CA VAL A 196 -9.64 -14.48 -1.62
C VAL A 196 -9.77 -14.76 -0.12
N PRO A 199 -12.88 -12.44 3.97
CA PRO A 199 -13.50 -11.48 3.05
C PRO A 199 -14.51 -10.56 3.76
N GLY A 200 -15.75 -10.51 3.27
CA GLY A 200 -16.86 -9.71 3.86
C GLY A 200 -18.20 -10.13 3.31
N GLU A 201 -19.17 -9.20 3.27
CA GLU A 201 -20.50 -9.37 2.64
C GLU A 201 -20.34 -9.42 1.12
N SER A 202 -20.92 -10.43 0.49
CA SER A 202 -20.61 -10.79 -0.92
C SER A 202 -21.91 -11.08 -1.66
N PRO A 203 -21.96 -10.84 -2.99
CA PRO A 203 -23.20 -11.03 -3.75
C PRO A 203 -23.36 -12.52 -4.13
N ILE A 204 -23.66 -13.33 -3.13
CA ILE A 204 -23.69 -14.82 -3.26
C ILE A 204 -24.61 -15.23 -4.41
N PHE A 205 -25.65 -14.47 -4.76
CA PHE A 205 -26.60 -14.94 -5.81
C PHE A 205 -26.00 -14.73 -7.22
N TRP A 206 -24.78 -14.24 -7.30
CA TRP A 206 -24.04 -14.06 -8.59
C TRP A 206 -22.82 -14.95 -8.56
N TYR A 207 -22.56 -15.64 -7.46
CA TYR A 207 -21.32 -16.40 -7.22
C TYR A 207 -21.37 -17.79 -7.87
N ALA A 208 -20.23 -18.26 -8.37
CA ALA A 208 -20.06 -19.60 -8.96
C ALA A 208 -19.93 -20.59 -7.83
N PRO A 209 -20.41 -21.83 -8.02
CA PRO A 209 -20.31 -22.85 -6.99
C PRO A 209 -18.93 -22.85 -6.30
N GLU A 210 -17.85 -22.73 -7.07
CA GLU A 210 -16.46 -22.89 -6.57
C GLU A 210 -16.02 -21.60 -5.86
N SER A 211 -16.73 -20.49 -6.08
CA SER A 211 -16.55 -19.24 -5.31
C SER A 211 -17.15 -19.43 -3.92
N LEU A 212 -18.40 -19.88 -3.85
CA LEU A 212 -19.12 -20.18 -2.58
C LEU A 212 -18.32 -21.19 -1.73
N THR A 213 -17.81 -22.29 -2.29
CA THR A 213 -17.29 -23.43 -1.49
C THR A 213 -15.81 -23.24 -1.15
N GLU A 214 -15.00 -22.71 -2.07
CA GLU A 214 -13.52 -22.66 -1.95
C GLU A 214 -12.98 -21.24 -2.18
N SER A 215 -13.85 -20.25 -2.40
CA SER A 215 -13.47 -18.82 -2.58
C SER A 215 -12.57 -18.67 -3.81
N LYS A 216 -12.70 -19.55 -4.80
CA LYS A 216 -11.84 -19.53 -6.02
C LYS A 216 -12.51 -18.65 -7.07
N PHE A 217 -11.75 -17.67 -7.55
CA PHE A 217 -12.22 -16.66 -8.53
C PHE A 217 -11.37 -16.76 -9.78
N SER A 218 -12.00 -16.71 -10.95
CA SER A 218 -11.39 -17.04 -12.26
C SER A 218 -12.15 -16.33 -13.37
N VAL A 219 -11.65 -16.43 -14.60
CA VAL A 219 -12.40 -15.89 -15.75
C VAL A 219 -13.75 -16.62 -15.78
N ALA A 220 -13.73 -17.94 -15.52
CA ALA A 220 -14.92 -18.80 -15.59
C ALA A 220 -15.91 -18.38 -14.51
N SER A 221 -15.44 -17.82 -13.39
CA SER A 221 -16.37 -17.32 -12.35
C SER A 221 -17.02 -16.02 -12.84
N ASP A 222 -16.27 -15.19 -13.59
CA ASP A 222 -16.83 -13.96 -14.20
C ASP A 222 -17.87 -14.36 -15.26
N VAL A 223 -17.63 -15.46 -15.97
CA VAL A 223 -18.56 -15.98 -17.01
C VAL A 223 -19.89 -16.39 -16.35
N TRP A 224 -19.81 -17.13 -15.23
CA TRP A 224 -21.01 -17.52 -14.45
C TRP A 224 -21.82 -16.28 -14.06
N SER A 225 -21.16 -15.22 -13.59
CA SER A 225 -21.81 -13.97 -13.15
C SER A 225 -22.41 -13.26 -14.36
N PHE A 226 -21.76 -13.34 -15.52
CA PHE A 226 -22.27 -12.71 -16.75
C PHE A 226 -23.61 -13.36 -17.12
N GLY A 227 -23.78 -14.65 -16.83
CA GLY A 227 -25.06 -15.35 -17.03
C GLY A 227 -26.16 -14.71 -16.19
N VAL A 228 -25.84 -14.37 -14.93
CA VAL A 228 -26.81 -13.69 -14.01
C VAL A 228 -27.09 -12.29 -14.55
N VAL A 229 -26.09 -11.63 -15.11
CA VAL A 229 -26.28 -10.27 -15.73
C VAL A 229 -27.27 -10.41 -16.90
N LEU A 230 -27.16 -11.48 -17.70
CA LEU A 230 -28.06 -11.73 -18.85
C LEU A 230 -29.47 -11.98 -18.31
N TYR A 231 -29.59 -12.69 -17.18
CA TYR A 231 -30.88 -12.95 -16.51
C TYR A 231 -31.47 -11.62 -16.00
N GLU A 232 -30.63 -10.79 -15.40
CA GLU A 232 -31.07 -9.46 -14.91
C GLU A 232 -31.67 -8.67 -16.08
N LEU A 233 -30.92 -8.59 -17.19
CA LEU A 233 -31.33 -7.79 -18.38
C LEU A 233 -32.68 -8.31 -18.91
N PHE A 234 -32.84 -9.63 -19.04
CA PHE A 234 -34.03 -10.22 -19.69
C PHE A 234 -35.19 -10.33 -18.69
N THR A 235 -34.93 -10.16 -17.39
CA THR A 235 -36.02 -10.03 -16.39
C THR A 235 -36.34 -8.54 -16.23
N TYR A 236 -35.62 -7.67 -16.94
CA TYR A 236 -35.78 -6.19 -16.89
C TYR A 236 -35.73 -5.73 -15.42
N ILE A 237 -34.82 -6.32 -14.64
CA ILE A 237 -34.57 -5.95 -13.22
C ILE A 237 -35.86 -6.05 -12.40
N GLU A 238 -36.86 -6.81 -12.83
CA GLU A 238 -38.11 -6.99 -12.06
C GLU A 238 -37.74 -7.65 -10.72
N LYS A 239 -38.14 -7.03 -9.61
CA LYS A 239 -37.75 -7.40 -8.22
C LYS A 239 -38.30 -8.78 -7.89
N SER A 240 -39.53 -9.07 -8.32
CA SER A 240 -40.21 -10.36 -8.13
C SER A 240 -39.37 -11.49 -8.75
N LYS A 241 -38.60 -11.18 -9.80
CA LYS A 241 -37.81 -12.17 -10.59
C LYS A 241 -36.30 -12.07 -10.29
N SER A 242 -35.85 -11.24 -9.35
CA SER A 242 -34.40 -11.01 -9.11
C SER A 242 -33.74 -12.32 -8.68
N PRO A 243 -32.42 -12.49 -8.93
CA PRO A 243 -31.69 -13.70 -8.49
C PRO A 243 -31.90 -14.04 -7.01
N PRO A 244 -31.80 -13.06 -6.09
CA PRO A 244 -32.08 -13.34 -4.69
C PRO A 244 -33.54 -13.79 -4.46
N ALA A 245 -34.51 -13.23 -5.16
CA ALA A 245 -35.94 -13.60 -5.06
C ALA A 245 -36.10 -15.06 -5.49
N GLU A 246 -35.58 -15.43 -6.66
CA GLU A 246 -35.82 -16.76 -7.27
C GLU A 246 -35.13 -17.85 -6.44
N PHE A 247 -33.86 -17.62 -6.06
CA PHE A 247 -33.06 -18.57 -5.24
C PHE A 247 -33.73 -18.75 -3.89
N MET A 248 -34.18 -17.66 -3.29
CA MET A 248 -34.85 -17.75 -1.97
C MET A 248 -36.11 -18.62 -2.10
N ARG A 249 -36.91 -18.47 -3.15
CA ARG A 249 -38.16 -19.28 -3.32
C ARG A 249 -37.78 -20.75 -3.51
N MET A 250 -36.69 -21.01 -4.23
CA MET A 250 -36.21 -22.38 -4.49
C MET A 250 -35.66 -22.98 -3.18
N ILE A 251 -35.04 -22.18 -2.31
CA ILE A 251 -34.46 -22.67 -1.02
C ILE A 251 -35.58 -23.07 -0.04
N GLY A 252 -36.66 -22.30 0.07
CA GLY A 252 -37.84 -22.66 0.89
C GLY A 252 -37.93 -21.88 2.20
N ASN A 253 -39.11 -21.88 2.82
CA ASN A 253 -39.40 -21.15 4.09
C ASN A 253 -40.11 -22.12 5.04
N GLN A 256 -34.03 -27.56 8.37
CA GLN A 256 -33.28 -26.30 8.09
C GLN A 256 -32.23 -26.07 9.19
N GLY A 257 -32.41 -25.09 10.08
CA GLY A 257 -31.35 -24.63 11.01
C GLY A 257 -30.00 -24.52 10.29
N GLN A 258 -29.98 -23.99 9.05
CA GLN A 258 -28.73 -23.90 8.27
C GLN A 258 -28.63 -22.55 7.54
N SER A 259 -27.43 -22.20 7.06
CA SER A 259 -27.14 -20.90 6.39
C SER A 259 -27.67 -20.90 4.95
N ILE A 260 -27.96 -19.71 4.41
CA ILE A 260 -28.49 -19.51 3.03
C ILE A 260 -27.41 -19.95 2.05
N VAL A 261 -26.15 -19.63 2.32
CA VAL A 261 -25.00 -20.02 1.46
C VAL A 261 -24.93 -21.55 1.43
N THR A 262 -25.15 -22.18 2.57
CA THR A 262 -25.19 -23.66 2.68
C THR A 262 -26.31 -24.20 1.78
N HIS A 263 -27.54 -23.67 1.90
CA HIS A 263 -28.68 -24.11 1.07
C HIS A 263 -28.38 -23.86 -0.41
N LEU A 264 -27.87 -22.68 -0.76
CA LEU A 264 -27.57 -22.30 -2.15
C LEU A 264 -26.54 -23.27 -2.77
N ILE A 265 -25.52 -23.67 -2.03
CA ILE A 265 -24.47 -24.60 -2.50
C ILE A 265 -25.12 -25.95 -2.81
N GLU A 266 -26.08 -26.39 -1.98
CA GLU A 266 -26.82 -27.67 -2.20
C GLU A 266 -27.71 -27.52 -3.43
N LEU A 267 -28.36 -26.36 -3.59
CA LEU A 267 -29.30 -26.15 -4.72
C LEU A 267 -28.50 -26.12 -6.03
N LEU A 268 -27.31 -25.52 -6.01
CA LEU A 268 -26.45 -25.45 -7.22
C LEU A 268 -25.88 -26.85 -7.52
N LYS A 269 -25.54 -27.62 -6.48
CA LYS A 269 -25.00 -28.99 -6.65
C LYS A 269 -26.08 -29.88 -7.28
N ASN A 270 -27.35 -29.68 -6.92
CA ASN A 270 -28.49 -30.50 -7.40
C ASN A 270 -29.02 -29.97 -8.72
N ASN A 271 -28.29 -29.06 -9.39
CA ASN A 271 -28.67 -28.45 -10.69
C ASN A 271 -29.85 -27.48 -10.53
N GLY A 272 -30.04 -26.91 -9.34
CA GLY A 272 -30.96 -25.77 -9.13
C GLY A 272 -30.41 -24.58 -9.90
N ARG A 273 -31.16 -24.03 -10.86
CA ARG A 273 -30.68 -22.91 -11.69
C ARG A 273 -31.79 -21.85 -11.78
N LEU A 274 -31.42 -20.61 -12.09
CA LEU A 274 -32.39 -19.51 -12.31
C LEU A 274 -33.30 -19.91 -13.46
N PRO A 275 -34.59 -19.54 -13.43
CA PRO A 275 -35.54 -19.92 -14.47
C PRO A 275 -35.33 -19.13 -15.77
N ARG A 276 -35.99 -19.55 -16.85
CA ARG A 276 -35.94 -18.78 -18.13
C ARG A 276 -36.79 -17.53 -17.98
N PRO A 277 -36.23 -16.31 -18.16
CA PRO A 277 -37.03 -15.07 -18.12
C PRO A 277 -38.15 -15.13 -19.15
N ASP A 278 -39.30 -14.55 -18.84
CA ASP A 278 -40.47 -14.54 -19.76
C ASP A 278 -40.07 -13.89 -21.09
N GLY A 279 -40.20 -14.64 -22.20
CA GLY A 279 -39.93 -14.15 -23.56
C GLY A 279 -38.46 -14.20 -23.93
N CYS A 280 -37.58 -14.64 -23.03
CA CYS A 280 -36.14 -14.79 -23.33
C CYS A 280 -35.98 -15.76 -24.50
N PRO A 281 -35.37 -15.35 -25.62
CA PRO A 281 -35.10 -16.26 -26.74
C PRO A 281 -34.34 -17.51 -26.28
N ASP A 282 -34.50 -18.64 -26.96
CA ASP A 282 -33.87 -19.93 -26.59
C ASP A 282 -32.34 -19.83 -26.65
N GLU A 283 -31.79 -19.15 -27.64
CA GLU A 283 -30.32 -19.05 -27.81
C GLU A 283 -29.75 -18.25 -26.64
N ILE A 284 -30.49 -17.26 -26.13
CA ILE A 284 -30.02 -16.44 -24.99
C ILE A 284 -30.05 -17.28 -23.72
N TYR A 285 -31.13 -18.03 -23.50
CA TYR A 285 -31.28 -18.87 -22.28
C TYR A 285 -30.27 -19.99 -22.33
N MET A 286 -30.00 -20.51 -23.54
CA MET A 286 -29.01 -21.58 -23.73
C MET A 286 -27.65 -21.03 -23.30
N ILE A 287 -27.38 -19.78 -23.66
CA ILE A 287 -26.11 -19.11 -23.27
C ILE A 287 -26.08 -18.99 -21.73
N MET A 288 -27.21 -18.64 -21.11
CA MET A 288 -27.22 -18.52 -19.63
C MET A 288 -26.89 -19.90 -19.06
N THR A 289 -27.59 -20.95 -19.51
CA THR A 289 -27.44 -22.29 -18.88
C THR A 289 -26.01 -22.80 -19.03
N GLU A 290 -25.30 -22.42 -20.09
CA GLU A 290 -23.90 -22.89 -20.32
C GLU A 290 -22.95 -22.12 -19.40
N CYS A 291 -23.22 -20.82 -19.19
CA CYS A 291 -22.48 -19.99 -18.23
C CYS A 291 -22.62 -20.59 -16.83
N TRP A 292 -23.78 -21.18 -16.51
CA TRP A 292 -24.05 -21.75 -15.16
C TRP A 292 -23.75 -23.25 -15.11
N ASN A 293 -22.71 -23.70 -15.79
CA ASN A 293 -22.25 -25.12 -15.70
C ASN A 293 -21.41 -25.25 -14.43
N ASN A 294 -21.60 -26.32 -13.68
CA ASN A 294 -20.84 -26.62 -12.45
C ASN A 294 -19.35 -26.74 -12.81
N ASN A 295 -19.05 -27.35 -13.96
CA ASN A 295 -17.65 -27.55 -14.41
C ASN A 295 -17.12 -26.22 -14.97
N VAL A 296 -16.10 -25.68 -14.32
CA VAL A 296 -15.42 -24.41 -14.72
C VAL A 296 -15.07 -24.49 -16.22
N ASN A 297 -14.59 -25.64 -16.70
CA ASN A 297 -13.96 -25.76 -18.05
C ASN A 297 -15.01 -26.03 -19.11
N GLN A 298 -16.25 -26.26 -18.73
CA GLN A 298 -17.34 -26.37 -19.73
C GLN A 298 -18.02 -25.00 -19.91
N ARG A 299 -17.58 -23.95 -19.22
CA ARG A 299 -18.24 -22.62 -19.39
C ARG A 299 -17.71 -21.96 -20.66
N PRO A 300 -18.53 -21.20 -21.43
CA PRO A 300 -18.07 -20.56 -22.65
C PRO A 300 -17.02 -19.50 -22.33
N SER A 301 -16.29 -19.04 -23.34
CA SER A 301 -15.33 -17.91 -23.22
C SER A 301 -16.07 -16.61 -23.52
N PHE A 302 -15.58 -15.47 -23.04
CA PHE A 302 -16.18 -14.14 -23.34
C PHE A 302 -16.07 -13.87 -24.85
N ARG A 303 -15.00 -14.35 -25.50
CA ARG A 303 -14.87 -14.25 -26.99
C ARG A 303 -16.03 -15.02 -27.68
N ASP A 304 -16.26 -16.27 -27.26
CA ASP A 304 -17.41 -17.05 -27.78
C ASP A 304 -18.71 -16.32 -27.44
N LEU A 305 -18.82 -15.74 -26.23
CA LEU A 305 -20.11 -15.11 -25.81
C LEU A 305 -20.35 -13.86 -26.66
N ALA A 306 -19.31 -13.06 -26.88
CA ALA A 306 -19.33 -11.87 -27.76
C ALA A 306 -19.91 -12.22 -29.12
N LEU A 307 -19.32 -13.22 -29.77
CA LEU A 307 -19.66 -13.66 -31.14
C LEU A 307 -21.11 -14.12 -31.17
N ARG A 308 -21.47 -14.97 -30.23
CA ARG A 308 -22.81 -15.58 -30.18
C ARG A 308 -23.86 -14.45 -30.03
N VAL A 309 -23.64 -13.56 -29.08
CA VAL A 309 -24.57 -12.43 -28.79
C VAL A 309 -24.67 -11.53 -30.03
N ASP A 310 -23.54 -11.16 -30.62
CA ASP A 310 -23.53 -10.26 -31.81
C ASP A 310 -24.36 -10.89 -32.93
N GLN A 311 -24.20 -12.19 -33.17
CA GLN A 311 -24.88 -12.91 -34.28
C GLN A 311 -26.38 -13.03 -33.97
N ILE A 312 -26.76 -13.37 -32.73
CA ILE A 312 -28.19 -13.46 -32.33
C ILE A 312 -28.83 -12.09 -32.57
N ARG A 313 -28.16 -11.01 -32.15
CA ARG A 313 -28.65 -9.62 -32.38
C ARG A 313 -28.82 -9.37 -33.88
N ASP A 314 -27.83 -9.78 -34.69
CA ASP A 314 -27.84 -9.60 -36.17
C ASP A 314 -29.05 -10.31 -36.76
N GLN A 315 -29.33 -11.53 -36.27
CA GLN A 315 -30.48 -12.37 -36.65
C GLN A 315 -31.79 -11.64 -36.34
N MET A 316 -31.89 -11.04 -35.16
CA MET A 316 -33.14 -10.39 -34.68
C MET A 316 -33.43 -9.12 -35.49
N ALA A 317 -32.38 -8.40 -35.90
CA ALA A 317 -32.47 -7.09 -36.58
C ALA A 317 -32.74 -7.30 -38.07
N GLN B 29 0.55 23.54 5.85
CA GLN B 29 1.22 24.42 6.87
C GLN B 29 2.32 25.30 6.25
N PHE B 30 3.13 24.79 5.31
CA PHE B 30 4.31 25.49 4.72
C PHE B 30 4.13 25.63 3.20
N GLU B 31 4.35 26.83 2.66
CA GLU B 31 4.24 27.09 1.19
C GLU B 31 5.63 27.07 0.56
N GLU B 32 5.75 26.57 -0.67
CA GLU B 32 7.06 26.45 -1.38
C GLU B 32 7.63 27.83 -1.70
N ARG B 33 6.78 28.79 -2.06
CA ARG B 33 7.20 30.17 -2.44
C ARG B 33 8.02 30.80 -1.30
N HIS B 34 7.80 30.35 -0.07
CA HIS B 34 8.48 30.95 1.11
C HIS B 34 9.65 30.06 1.55
N LEU B 35 9.78 28.88 0.95
CA LEU B 35 10.91 27.96 1.28
C LEU B 35 12.16 28.43 0.53
N LYS B 36 13.14 28.94 1.24
CA LYS B 36 14.36 29.51 0.62
C LYS B 36 15.51 28.54 0.81
N PHE B 37 16.03 27.97 -0.29
CA PHE B 37 17.17 27.02 -0.26
C PHE B 37 18.39 27.74 0.33
N LEU B 38 19.15 27.07 1.19
CA LEU B 38 20.37 27.65 1.81
C LEU B 38 21.56 26.74 1.51
N GLN B 39 21.44 25.45 1.79
CA GLN B 39 22.57 24.49 1.64
C GLN B 39 22.08 23.04 1.65
N GLN B 40 22.87 22.13 1.07
CA GLN B 40 22.60 20.68 1.08
C GLN B 40 23.10 20.11 2.40
N LEU B 41 22.28 19.34 3.11
CA LEU B 41 22.66 18.79 4.44
C LEU B 41 22.95 17.30 4.33
N GLY B 42 22.19 16.59 3.49
CA GLY B 42 22.37 15.14 3.32
C GLY B 42 21.66 14.62 2.09
N LYS B 43 22.16 13.51 1.54
CA LYS B 43 21.54 12.83 0.38
C LYS B 43 21.72 11.33 0.56
N GLY B 44 20.76 10.53 0.05
CA GLY B 44 20.80 9.06 0.17
C GLY B 44 19.40 8.47 0.31
N ASN B 45 19.28 7.15 0.19
CA ASN B 45 17.97 6.43 0.22
C ASN B 45 16.97 7.13 -0.69
N PHE B 46 17.36 7.45 -1.92
CA PHE B 46 16.46 8.10 -2.91
C PHE B 46 15.90 9.39 -2.29
N GLY B 47 16.68 10.03 -1.42
CA GLY B 47 16.21 11.20 -0.67
C GLY B 47 17.33 12.20 -0.39
N SER B 48 16.96 13.44 -0.11
CA SER B 48 17.93 14.51 0.20
C SER B 48 17.33 15.42 1.27
N VAL B 49 18.16 15.88 2.21
CA VAL B 49 17.69 16.86 3.22
C VAL B 49 18.41 18.19 2.93
N GLU B 50 17.66 19.29 2.88
CA GLU B 50 18.20 20.63 2.54
C GLU B 50 17.96 21.58 3.70
N MET B 51 18.92 22.44 4.01
CA MET B 51 18.72 23.53 4.98
C MET B 51 17.98 24.63 4.24
N CYS B 52 16.75 24.92 4.65
CA CYS B 52 15.96 26.01 4.02
C CYS B 52 15.54 27.01 5.10
N ARG B 53 15.28 28.25 4.71
CA ARG B 53 14.58 29.24 5.57
CA ARG B 53 14.56 29.20 5.61
C ARG B 53 13.10 29.33 5.14
N TYR B 54 12.20 29.27 6.09
CA TYR B 54 10.78 29.58 5.79
C TYR B 54 10.58 31.08 6.00
N ASP B 55 10.59 31.88 4.92
CA ASP B 55 10.54 33.36 5.01
C ASP B 55 9.25 33.86 4.35
N PRO B 56 8.07 33.76 5.02
CA PRO B 56 6.80 34.21 4.43
C PRO B 56 6.63 35.74 4.46
N LEU B 57 7.38 36.41 5.31
CA LEU B 57 7.36 37.90 5.45
C LEU B 57 8.52 38.50 4.65
N GLN B 58 9.29 37.66 3.95
CA GLN B 58 10.39 38.09 3.05
C GLN B 58 11.27 39.12 3.76
N ASP B 59 11.98 38.73 4.81
CA ASP B 59 12.91 39.64 5.52
C ASP B 59 14.26 38.95 5.74
N ASN B 60 14.36 37.66 5.41
CA ASN B 60 15.57 36.84 5.66
C ASN B 60 15.70 36.57 7.15
N THR B 61 14.60 36.66 7.89
CA THR B 61 14.61 36.52 9.37
C THR B 61 13.75 35.32 9.79
N GLY B 62 13.14 34.62 8.84
CA GLY B 62 12.28 33.46 9.13
C GLY B 62 13.08 32.37 9.81
N GLU B 63 12.43 31.26 10.15
CA GLU B 63 13.05 30.11 10.86
C GLU B 63 13.77 29.19 9.86
N VAL B 64 15.05 28.90 10.11
CA VAL B 64 15.85 27.91 9.33
C VAL B 64 15.29 26.52 9.64
N VAL B 65 15.14 25.66 8.64
CA VAL B 65 14.51 24.32 8.86
C VAL B 65 15.22 23.29 8.00
N ALA B 66 14.90 22.01 8.24
CA ALA B 66 15.32 20.87 7.41
C ALA B 66 14.16 20.45 6.52
N VAL B 67 14.45 20.26 5.23
CA VAL B 67 13.42 19.85 4.23
C VAL B 67 13.91 18.55 3.58
N LYS B 68 13.19 17.44 3.81
CA LYS B 68 13.52 16.16 3.14
C LYS B 68 12.68 16.03 1.88
N LYS B 69 13.26 15.53 0.79
CA LYS B 69 12.53 15.35 -0.49
C LYS B 69 12.96 14.03 -1.12
N LEU B 70 12.14 13.50 -2.03
CA LEU B 70 12.45 12.27 -2.80
C LEU B 70 13.30 12.64 -4.01
N GLN B 71 14.13 11.71 -4.49
CA GLN B 71 15.00 11.93 -5.66
C GLN B 71 14.46 11.16 -6.87
N HIS B 72 14.73 9.86 -6.96
CA HIS B 72 14.26 9.01 -8.08
C HIS B 72 12.80 8.64 -7.82
N SER B 73 11.90 9.61 -7.80
CA SER B 73 10.50 9.44 -7.32
C SER B 73 9.81 8.25 -8.03
N THR B 74 9.26 7.33 -7.25
CA THR B 74 8.41 6.22 -7.76
C THR B 74 7.18 6.16 -6.86
N GLU B 75 5.99 6.01 -7.42
CA GLU B 75 4.76 6.02 -6.59
C GLU B 75 5.03 5.21 -5.31
N GLU B 76 5.72 4.08 -5.42
CA GLU B 76 6.03 3.20 -4.28
C GLU B 76 6.92 3.96 -3.29
N HIS B 77 7.96 4.61 -3.80
CA HIS B 77 8.85 5.47 -2.96
C HIS B 77 8.01 6.58 -2.32
N LEU B 78 7.09 7.17 -3.08
CA LEU B 78 6.18 8.23 -2.57
C LEU B 78 5.33 7.65 -1.43
N ARG B 79 4.84 6.43 -1.60
CA ARG B 79 3.98 5.76 -0.59
C ARG B 79 4.84 5.50 0.66
N ASP B 80 6.07 5.06 0.48
CA ASP B 80 7.01 4.83 1.60
C ASP B 80 7.26 6.15 2.33
N PHE B 81 7.45 7.25 1.59
CA PHE B 81 7.75 8.59 2.15
C PHE B 81 6.54 9.11 2.92
N GLU B 82 5.34 8.86 2.40
CA GLU B 82 4.09 9.32 3.06
C GLU B 82 3.97 8.61 4.42
N ARG B 83 4.30 7.32 4.46
CA ARG B 83 4.26 6.54 5.72
C ARG B 83 5.37 7.05 6.63
N GLU B 84 6.53 7.41 6.07
CA GLU B 84 7.69 7.93 6.83
C GLU B 84 7.24 9.20 7.53
N ILE B 85 6.55 10.07 6.81
CA ILE B 85 6.09 11.38 7.36
C ILE B 85 5.14 11.07 8.51
N GLU B 86 4.22 10.12 8.31
CA GLU B 86 3.19 9.83 9.34
C GLU B 86 3.87 9.22 10.55
N ILE B 87 4.91 8.40 10.32
CA ILE B 87 5.70 7.76 11.42
C ILE B 87 6.31 8.86 12.27
N LEU B 88 6.99 9.84 11.64
CA LEU B 88 7.67 10.95 12.37
C LEU B 88 6.66 11.89 13.04
N LYS B 89 5.48 12.07 12.43
CA LYS B 89 4.39 12.89 13.02
C LYS B 89 3.94 12.29 14.36
N SER B 90 3.89 10.96 14.47
CA SER B 90 3.45 10.24 15.71
C SER B 90 4.55 10.28 16.79
N LEU B 91 5.78 10.65 16.43
CA LEU B 91 6.96 10.68 17.34
C LEU B 91 7.18 12.09 17.91
N GLN B 92 7.13 12.19 19.24
CA GLN B 92 7.59 13.36 20.01
C GLN B 92 8.47 12.86 21.15
N HIS B 93 9.77 13.13 21.08
CA HIS B 93 10.76 12.63 22.08
C HIS B 93 12.04 13.46 21.95
N ASP B 94 12.68 13.77 23.07
CA ASP B 94 13.90 14.62 23.13
C ASP B 94 14.98 14.12 22.15
N ASN B 95 15.01 12.81 21.88
CA ASN B 95 16.11 12.17 21.13
C ASN B 95 15.61 11.75 19.75
N ILE B 96 14.56 12.40 19.25
CA ILE B 96 13.99 12.19 17.88
C ILE B 96 13.75 13.57 17.26
N VAL B 97 14.34 13.81 16.08
CA VAL B 97 14.18 15.07 15.31
C VAL B 97 12.69 15.40 15.21
N LYS B 98 12.36 16.68 15.37
CA LYS B 98 10.98 17.18 15.52
C LYS B 98 10.34 17.36 14.14
N TYR B 99 9.24 16.67 13.90
CA TYR B 99 8.29 16.92 12.78
C TYR B 99 7.80 18.36 12.89
N LYS B 100 7.89 19.14 11.82
CA LYS B 100 7.30 20.50 11.80
C LYS B 100 6.07 20.54 10.91
N GLY B 101 6.10 19.83 9.77
CA GLY B 101 4.97 19.91 8.83
C GLY B 101 5.28 19.31 7.47
N VAL B 102 4.47 19.64 6.48
CA VAL B 102 4.61 19.11 5.09
C VAL B 102 4.44 20.27 4.10
N CYS B 103 5.04 20.16 2.92
CA CYS B 103 4.93 21.19 1.86
C CYS B 103 4.61 20.49 0.54
N TYR B 104 3.48 20.82 -0.08
CA TYR B 104 3.01 20.15 -1.32
C TYR B 104 3.38 20.97 -2.55
N ARG B 109 5.90 14.15 -6.32
CA ARG B 109 4.76 15.09 -6.19
C ARG B 109 5.28 16.43 -5.65
N ASN B 110 6.58 16.52 -5.36
CA ASN B 110 7.21 17.71 -4.75
C ASN B 110 6.76 17.77 -3.28
N LEU B 111 6.13 16.69 -2.80
CA LEU B 111 5.78 16.57 -1.37
C LEU B 111 7.09 16.61 -0.56
N LYS B 112 7.17 17.55 0.38
CA LYS B 112 8.42 17.78 1.15
C LYS B 112 8.12 17.70 2.64
N LEU B 113 8.94 16.93 3.37
CA LEU B 113 8.83 16.80 4.85
C LEU B 113 9.68 17.89 5.48
N ILE B 114 9.08 18.67 6.37
CA ILE B 114 9.77 19.80 7.05
C ILE B 114 10.06 19.34 8.48
N MET B 115 11.31 19.48 8.90
CA MET B 115 11.73 19.11 10.27
C MET B 115 12.47 20.30 10.88
N GLU B 116 12.75 20.22 12.17
CA GLU B 116 13.64 21.20 12.83
C GLU B 116 15.05 21.07 12.21
N TYR B 117 15.86 22.10 12.33
CA TYR B 117 17.27 22.08 11.88
C TYR B 117 18.18 21.88 13.07
N LEU B 118 18.91 20.77 13.11
CA LEU B 118 19.93 20.51 14.16
C LEU B 118 21.24 21.03 13.60
N PRO B 119 21.82 22.08 14.19
CA PRO B 119 22.94 22.78 13.56
C PRO B 119 24.30 22.06 13.48
N TYR B 120 24.58 21.08 14.34
CA TYR B 120 25.93 20.44 14.40
C TYR B 120 26.01 19.17 13.52
N GLY B 121 24.90 18.78 12.87
CA GLY B 121 24.93 17.76 11.80
C GLY B 121 25.02 16.34 12.33
N SER B 122 25.47 15.38 11.51
CA SER B 122 25.46 13.94 11.83
C SER B 122 26.54 13.64 12.87
N LEU B 123 26.23 12.78 13.83
CA LEU B 123 27.18 12.39 14.88
C LEU B 123 28.43 11.80 14.21
N ARG B 124 28.25 11.03 13.13
CA ARG B 124 29.39 10.37 12.42
C ARG B 124 30.43 11.42 12.04
N ASP B 125 30.03 12.49 11.36
CA ASP B 125 30.95 13.57 10.91
C ASP B 125 31.40 14.42 12.11
N TYR B 126 30.53 14.66 13.08
CA TYR B 126 30.84 15.47 14.29
C TYR B 126 31.93 14.76 15.12
N LEU B 127 31.78 13.45 15.33
CA LEU B 127 32.75 12.64 16.08
C LEU B 127 34.08 12.61 15.32
N GLN B 128 33.99 12.37 14.01
CA GLN B 128 35.18 12.33 13.11
C GLN B 128 35.95 13.65 13.22
N LYS B 129 35.26 14.79 13.37
CA LYS B 129 35.89 16.14 13.34
C LYS B 129 36.29 16.58 14.76
N HIS B 130 35.60 16.11 15.80
CA HIS B 130 35.79 16.62 17.18
C HIS B 130 36.34 15.53 18.10
N LYS B 131 36.81 14.40 17.57
CA LYS B 131 37.21 13.23 18.41
C LYS B 131 38.19 13.60 19.54
N GLU B 132 39.15 14.51 19.28
CA GLU B 132 40.17 14.90 20.29
C GLU B 132 39.51 15.54 21.52
N ARG B 133 38.27 16.06 21.39
CA ARG B 133 37.59 16.79 22.49
C ARG B 133 36.53 15.90 23.14
N ILE B 134 36.38 14.66 22.65
CA ILE B 134 35.30 13.74 23.09
C ILE B 134 35.89 12.52 23.79
N ASP B 135 35.69 12.39 25.10
CA ASP B 135 36.17 11.23 25.89
C ASP B 135 35.05 10.19 25.99
N HIS B 136 35.31 9.09 26.70
CA HIS B 136 34.41 7.91 26.80
C HIS B 136 33.10 8.30 27.49
N ILE B 137 33.16 9.20 28.46
CA ILE B 137 31.96 9.67 29.21
C ILE B 137 30.98 10.30 28.23
N LYS B 138 31.47 11.11 27.29
CA LYS B 138 30.64 11.78 26.27
C LYS B 138 30.07 10.72 25.33
N LEU B 139 30.86 9.73 24.94
CA LEU B 139 30.36 8.63 24.08
C LEU B 139 29.17 7.94 24.76
N LEU B 140 29.23 7.77 26.08
CA LEU B 140 28.14 7.13 26.84
C LEU B 140 26.91 8.03 26.87
N GLN B 141 27.10 9.34 26.95
CA GLN B 141 25.99 10.30 26.89
C GLN B 141 25.29 10.16 25.52
N TYR B 142 26.06 10.14 24.43
CA TYR B 142 25.50 9.92 23.07
C TYR B 142 24.79 8.55 23.05
N THR B 143 25.47 7.49 23.49
CA THR B 143 24.91 6.12 23.48
C THR B 143 23.60 6.10 24.28
N SER B 144 23.59 6.73 25.47
CA SER B 144 22.39 6.72 26.35
C SER B 144 21.20 7.34 25.60
N GLN B 145 21.39 8.47 24.91
CA GLN B 145 20.30 9.21 24.24
C GLN B 145 19.77 8.40 23.04
N ILE B 146 20.63 7.66 22.36
CA ILE B 146 20.21 6.77 21.24
C ILE B 146 19.29 5.69 21.81
N CYS B 147 19.70 5.03 22.89
CA CYS B 147 18.92 3.93 23.53
C CYS B 147 17.52 4.43 23.89
N LYS B 148 17.45 5.60 24.54
CA LYS B 148 16.16 6.19 24.95
C LYS B 148 15.33 6.52 23.71
N GLY B 149 15.95 6.96 22.63
CA GLY B 149 15.19 7.21 21.40
C GLY B 149 14.67 5.91 20.84
N MET B 150 15.49 4.86 20.90
CA MET B 150 15.11 3.54 20.36
C MET B 150 14.04 2.88 21.22
N GLU B 151 14.12 3.06 22.55
CA GLU B 151 13.15 2.50 23.49
C GLU B 151 11.79 3.15 23.19
N TYR B 152 11.78 4.47 23.00
CA TYR B 152 10.54 5.21 22.66
C TYR B 152 9.94 4.59 21.40
N LEU B 153 10.77 4.40 20.37
CA LEU B 153 10.38 3.74 19.10
C LEU B 153 9.73 2.41 19.39
N GLY B 154 10.35 1.64 20.30
CA GLY B 154 9.84 0.36 20.78
C GLY B 154 8.38 0.48 21.13
N THR B 155 8.01 1.51 21.90
CA THR B 155 6.67 1.67 22.52
C THR B 155 5.61 1.84 21.43
N LYS B 156 6.01 2.26 20.23
CA LYS B 156 5.07 2.48 19.10
C LYS B 156 5.12 1.28 18.16
N ARG B 157 5.94 0.27 18.48
CA ARG B 157 6.09 -0.96 17.65
C ARG B 157 6.65 -0.54 16.27
N TYR B 158 7.58 0.41 16.27
CA TYR B 158 8.34 0.81 15.08
C TYR B 158 9.72 0.18 15.13
N ILE B 159 10.16 -0.33 13.99
CA ILE B 159 11.54 -0.85 13.80
C ILE B 159 12.25 0.12 12.83
N HIS B 160 13.36 0.72 13.25
CA HIS B 160 14.12 1.69 12.44
C HIS B 160 14.71 1.04 11.18
N ARG B 161 15.48 -0.05 11.36
CA ARG B 161 16.09 -0.84 10.25
C ARG B 161 17.34 -0.14 9.72
N ASP B 162 17.68 1.05 10.22
CA ASP B 162 18.83 1.83 9.68
C ASP B 162 19.59 2.53 10.81
N LEU B 163 19.68 1.89 11.97
CA LEU B 163 20.33 2.48 13.16
C LEU B 163 21.84 2.55 12.91
N ALA B 164 22.38 3.76 12.76
CA ALA B 164 23.80 4.03 12.46
C ALA B 164 24.14 5.46 12.81
N THR B 165 25.39 5.75 13.13
CA THR B 165 25.85 7.09 13.57
C THR B 165 25.50 8.10 12.45
N ARG B 166 25.42 7.66 11.19
CA ARG B 166 25.05 8.54 10.05
C ARG B 166 23.58 8.98 10.12
N ASN B 167 22.74 8.29 10.87
CA ASN B 167 21.31 8.66 11.02
C ASN B 167 21.08 9.29 12.39
N ILE B 168 22.16 9.65 13.10
CA ILE B 168 22.05 10.39 14.39
C ILE B 168 22.53 11.83 14.18
N LEU B 169 21.87 12.81 14.78
CA LEU B 169 22.19 14.24 14.54
C LEU B 169 22.54 14.91 15.87
N VAL B 170 23.44 15.89 15.83
CA VAL B 170 23.89 16.64 17.04
C VAL B 170 23.14 17.98 17.09
N GLU B 171 22.40 18.24 18.17
CA GLU B 171 21.70 19.54 18.37
C GLU B 171 22.67 20.48 19.06
N ASN B 172 23.27 20.00 20.14
CA ASN B 172 24.25 20.76 20.96
C ASN B 172 25.25 19.75 21.51
N GLU B 173 26.27 20.18 22.24
CA GLU B 173 27.30 19.23 22.73
C GLU B 173 26.69 18.26 23.74
N ASN B 174 25.45 18.47 24.15
CA ASN B 174 24.82 17.65 25.21
C ASN B 174 23.60 16.91 24.70
N ARG B 175 23.19 17.09 23.44
CA ARG B 175 21.94 16.44 22.96
C ARG B 175 22.10 15.86 21.54
N VAL B 176 21.76 14.59 21.36
CA VAL B 176 21.72 13.94 20.02
C VAL B 176 20.27 13.46 19.75
N LYS B 177 19.88 13.30 18.49
CA LYS B 177 18.56 12.76 18.09
C LYS B 177 18.74 11.79 16.92
N ILE B 178 17.86 10.82 16.79
CA ILE B 178 17.73 10.00 15.56
C ILE B 178 17.09 10.90 14.51
N GLY B 179 17.64 11.01 13.30
CA GLY B 179 17.29 12.09 12.36
C GLY B 179 16.60 11.59 11.11
N ASP B 180 16.79 10.33 10.72
CA ASP B 180 16.09 9.80 9.53
C ASP B 180 15.28 8.57 9.89
N PHE B 181 14.14 8.37 9.23
CA PHE B 181 13.28 7.18 9.39
C PHE B 181 12.85 6.68 8.01
N GLY B 182 13.78 6.72 7.04
CA GLY B 182 13.55 6.30 5.65
C GLY B 182 13.23 4.81 5.46
N LEU B 183 13.66 3.93 6.37
CA LEU B 183 13.44 2.47 6.27
C LEU B 183 12.55 2.00 7.43
N THR B 184 12.06 2.91 8.28
CA THR B 184 11.26 2.54 9.48
C THR B 184 9.92 1.89 9.03
N LYS B 185 9.50 0.85 9.77
CA LYS B 185 8.29 0.03 9.49
C LYS B 185 7.50 -0.20 10.78
N VAL B 186 6.16 -0.18 10.66
CA VAL B 186 5.23 -0.51 11.78
C VAL B 186 5.09 -2.04 11.75
N LEU B 187 5.39 -2.69 12.87
CA LEU B 187 5.12 -4.14 13.07
C LEU B 187 3.64 -4.40 12.81
N PRO B 188 3.26 -5.55 12.19
CA PRO B 188 1.86 -5.97 12.14
C PRO B 188 1.33 -6.18 13.56
N GLN B 189 0.00 -6.12 13.76
CA GLN B 189 -0.66 -6.21 15.09
C GLN B 189 -0.43 -7.60 15.72
N ASP B 190 -0.06 -8.61 14.91
CA ASP B 190 -0.05 -10.05 15.28
C ASP B 190 1.34 -10.68 15.19
N LYS B 191 2.41 -9.92 14.94
CA LYS B 191 3.80 -10.44 14.74
C LYS B 191 4.84 -9.50 15.38
N GLU B 192 5.98 -10.05 15.80
CA GLU B 192 7.07 -9.30 16.48
C GLU B 192 8.18 -8.98 15.50
N TYR B 194 8.92 -7.73 11.05
CA TYR B 194 8.45 -7.34 9.73
C TYR B 194 9.46 -7.90 8.72
N LYS B 195 8.98 -8.65 7.72
CA LYS B 195 9.77 -9.10 6.53
C LYS B 195 9.55 -8.10 5.38
N VAL B 196 10.63 -7.69 4.71
CA VAL B 196 10.68 -6.54 3.76
C VAL B 196 10.73 -7.06 2.32
N PRO B 199 13.47 -5.00 -1.28
CA PRO B 199 14.70 -4.61 -0.58
C PRO B 199 15.84 -4.26 -1.56
N GLY B 200 16.25 -2.99 -1.62
CA GLY B 200 17.30 -2.46 -2.52
C GLY B 200 18.70 -2.53 -1.90
N GLU B 201 19.53 -1.49 -2.05
CA GLU B 201 20.88 -1.36 -1.43
C GLU B 201 20.73 -1.16 0.08
N SER B 202 21.45 -1.95 0.86
CA SER B 202 21.21 -2.07 2.32
C SER B 202 22.54 -2.07 3.06
N PRO B 203 22.58 -1.56 4.30
CA PRO B 203 23.81 -1.48 5.08
C PRO B 203 24.05 -2.84 5.74
N ILE B 204 24.45 -3.81 4.94
CA ILE B 204 24.63 -5.22 5.38
C ILE B 204 25.59 -5.28 6.57
N PHE B 205 26.56 -4.36 6.71
CA PHE B 205 27.53 -4.52 7.84
C PHE B 205 26.92 -4.04 9.18
N TRP B 206 25.64 -3.67 9.17
CA TRP B 206 24.90 -3.30 10.39
C TRP B 206 23.75 -4.29 10.60
N TYR B 207 23.60 -5.24 9.68
CA TYR B 207 22.41 -6.14 9.62
C TYR B 207 22.57 -7.35 10.54
N ALA B 208 21.46 -7.81 11.13
CA ALA B 208 21.42 -9.02 11.97
C ALA B 208 21.41 -10.24 11.06
N PRO B 209 21.99 -11.36 11.53
CA PRO B 209 22.00 -12.58 10.72
C PRO B 209 20.64 -12.84 10.05
N GLU B 210 19.53 -12.66 10.78
CA GLU B 210 18.17 -13.05 10.33
C GLU B 210 17.63 -11.99 9.36
N SER B 211 18.22 -10.79 9.37
CA SER B 211 17.94 -9.74 8.35
C SER B 211 18.58 -10.15 7.01
N LEU B 212 19.87 -10.51 7.05
CA LEU B 212 20.62 -10.99 5.87
C LEU B 212 19.93 -12.22 5.24
N THR B 213 19.55 -13.23 6.03
CA THR B 213 19.16 -14.57 5.50
C THR B 213 17.65 -14.58 5.14
N GLU B 214 16.79 -13.96 5.94
CA GLU B 214 15.31 -14.08 5.83
C GLU B 214 14.63 -12.71 5.73
N SER B 215 15.40 -11.62 5.72
CA SER B 215 14.89 -10.22 5.59
C SER B 215 13.97 -9.90 6.75
N LYS B 216 14.15 -10.55 7.91
CA LYS B 216 13.29 -10.34 9.09
C LYS B 216 13.86 -9.20 9.93
N PHE B 217 13.02 -8.21 10.22
CA PHE B 217 13.38 -6.99 10.98
C PHE B 217 12.52 -6.91 12.23
N SER B 218 13.13 -6.55 13.35
CA SER B 218 12.55 -6.64 14.71
C SER B 218 13.23 -5.64 15.63
N VAL B 219 12.73 -5.50 16.85
CA VAL B 219 13.42 -4.68 17.88
C VAL B 219 14.81 -5.28 18.05
N ALA B 220 14.90 -6.62 18.07
CA ALA B 220 16.16 -7.34 18.33
C ALA B 220 17.13 -7.07 17.17
N SER B 221 16.62 -6.80 15.97
CA SER B 221 17.50 -6.47 14.83
C SER B 221 18.03 -5.04 15.01
N ASP B 222 17.22 -4.15 15.59
CA ASP B 222 17.66 -2.76 15.89
C ASP B 222 18.70 -2.80 17.02
N VAL B 223 18.58 -3.75 17.94
CA VAL B 223 19.54 -3.92 19.07
C VAL B 223 20.89 -4.37 18.51
N TRP B 224 20.88 -5.32 17.57
CA TRP B 224 22.12 -5.80 16.90
C TRP B 224 22.82 -4.62 16.23
N SER B 225 22.07 -3.75 15.54
CA SER B 225 22.61 -2.57 14.84
C SER B 225 23.14 -1.58 15.86
N PHE B 226 22.51 -1.50 17.03
CA PHE B 226 22.94 -0.57 18.11
C PHE B 226 24.33 -0.98 18.60
N GLY B 227 24.62 -2.27 18.64
CA GLY B 227 25.97 -2.78 18.98
C GLY B 227 27.00 -2.26 18.00
N VAL B 228 26.66 -2.20 16.72
CA VAL B 228 27.57 -1.69 15.65
C VAL B 228 27.75 -0.18 15.85
N VAL B 229 26.69 0.51 16.22
CA VAL B 229 26.76 1.97 16.54
C VAL B 229 27.74 2.16 17.73
N LEU B 230 27.68 1.30 18.75
CA LEU B 230 28.57 1.35 19.93
C LEU B 230 30.02 1.13 19.46
N TYR B 231 30.22 0.20 18.52
CA TYR B 231 31.54 -0.06 17.90
C TYR B 231 32.02 1.18 17.11
N GLU B 232 31.11 1.80 16.35
CA GLU B 232 31.44 3.03 15.59
C GLU B 232 31.94 4.10 16.56
N LEU B 233 31.16 4.36 17.61
CA LEU B 233 31.47 5.44 18.59
C LEU B 233 32.85 5.16 19.23
N PHE B 234 33.11 3.92 19.62
CA PHE B 234 34.33 3.56 20.39
C PHE B 234 35.51 3.35 19.43
N THR B 235 35.27 3.28 18.12
CA THR B 235 36.36 3.27 17.11
C THR B 235 36.58 4.71 16.66
N TYR B 236 35.77 5.64 17.19
CA TYR B 236 35.80 7.08 16.84
C TYR B 236 35.71 7.23 15.31
N ILE B 237 34.88 6.40 14.68
CA ILE B 237 34.62 6.43 13.20
C ILE B 237 35.92 6.35 12.41
N GLU B 238 37.00 5.80 12.97
CA GLU B 238 38.28 5.56 12.23
C GLU B 238 37.97 4.62 11.07
N LYS B 239 38.35 5.01 9.86
CA LYS B 239 38.02 4.30 8.58
C LYS B 239 38.74 2.94 8.57
N SER B 240 39.95 2.89 9.12
CA SER B 240 40.76 1.64 9.18
C SER B 240 39.99 0.59 10.01
N LYS B 241 39.15 1.05 10.96
CA LYS B 241 38.43 0.17 11.92
C LYS B 241 36.92 0.05 11.61
N SER B 242 36.41 0.63 10.51
CA SER B 242 34.95 0.65 10.25
C SER B 242 34.41 -0.78 10.10
N PRO B 243 33.10 -1.03 10.39
CA PRO B 243 32.51 -2.35 10.20
C PRO B 243 32.78 -2.96 8.81
N PRO B 244 32.58 -2.21 7.72
CA PRO B 244 32.88 -2.74 6.39
C PRO B 244 34.38 -3.09 6.24
N ALA B 245 35.29 -2.28 6.82
CA ALA B 245 36.75 -2.54 6.80
C ALA B 245 37.04 -3.87 7.50
N GLU B 246 36.54 -4.05 8.72
CA GLU B 246 36.88 -5.21 9.59
C GLU B 246 36.29 -6.49 9.01
N PHE B 247 35.02 -6.47 8.60
CA PHE B 247 34.33 -7.63 8.00
C PHE B 247 35.03 -8.01 6.69
N MET B 248 35.38 -7.03 5.87
CA MET B 248 36.06 -7.33 4.59
C MET B 248 37.39 -8.04 4.89
N ARG B 249 38.17 -7.61 5.89
CA ARG B 249 39.48 -8.25 6.23
C ARG B 249 39.22 -9.67 6.69
N MET B 250 38.16 -9.87 7.47
CA MET B 250 37.78 -11.20 8.00
C MET B 250 37.32 -12.11 6.85
N ILE B 251 36.63 -11.58 5.85
CA ILE B 251 36.10 -12.37 4.69
C ILE B 251 37.26 -12.88 3.80
N GLY B 252 38.29 -12.06 3.50
CA GLY B 252 39.51 -12.51 2.79
C GLY B 252 39.51 -12.22 1.29
N GLN B 256 37.32 -16.03 -4.39
CA GLN B 256 36.17 -16.22 -3.46
C GLN B 256 35.18 -17.23 -4.09
N GLY B 257 34.44 -16.80 -5.11
CA GLY B 257 33.40 -17.58 -5.80
C GLY B 257 32.01 -16.98 -5.63
N GLN B 258 31.76 -16.28 -4.52
CA GLN B 258 30.40 -15.96 -4.03
C GLN B 258 30.28 -14.48 -3.64
N SER B 259 29.05 -14.06 -3.36
CA SER B 259 28.67 -12.69 -2.91
C SER B 259 29.20 -12.39 -1.49
N ILE B 260 29.52 -11.13 -1.25
CA ILE B 260 29.95 -10.59 0.07
C ILE B 260 28.91 -10.93 1.13
N VAL B 261 27.62 -10.85 0.75
CA VAL B 261 26.49 -11.10 1.69
C VAL B 261 26.58 -12.55 2.14
N THR B 262 26.79 -13.44 1.17
CA THR B 262 26.99 -14.89 1.37
C THR B 262 28.17 -15.11 2.34
N HIS B 263 29.34 -14.54 2.06
CA HIS B 263 30.52 -14.70 2.95
C HIS B 263 30.18 -14.20 4.37
N LEU B 264 29.56 -13.02 4.46
CA LEU B 264 29.18 -12.39 5.75
C LEU B 264 28.26 -13.30 6.58
N ILE B 265 27.27 -13.93 5.95
CA ILE B 265 26.31 -14.87 6.60
C ILE B 265 27.10 -16.05 7.19
N GLU B 266 28.06 -16.58 6.45
CA GLU B 266 28.92 -17.71 6.89
C GLU B 266 29.82 -17.23 8.03
N LEU B 267 30.32 -16.01 7.94
CA LEU B 267 31.23 -15.47 8.98
C LEU B 267 30.46 -15.28 10.29
N LEU B 268 29.21 -14.81 10.21
CA LEU B 268 28.38 -14.54 11.41
C LEU B 268 27.90 -15.87 12.00
N LYS B 269 27.57 -16.86 11.16
CA LYS B 269 27.15 -18.21 11.61
C LYS B 269 28.28 -18.87 12.41
N ASN B 270 29.54 -18.65 12.02
CA ASN B 270 30.76 -19.22 12.65
C ASN B 270 31.24 -18.38 13.84
N ASN B 271 30.49 -17.36 14.23
CA ASN B 271 30.82 -16.48 15.39
C ASN B 271 31.97 -15.51 15.05
N GLY B 272 32.23 -15.22 13.77
CA GLY B 272 32.93 -14.00 13.34
C GLY B 272 32.19 -12.78 13.87
N ARG B 273 32.89 -11.92 14.61
CA ARG B 273 32.29 -10.69 15.20
C ARG B 273 33.32 -9.56 15.08
N LEU B 274 32.85 -8.31 15.09
CA LEU B 274 33.71 -7.12 15.08
C LEU B 274 34.60 -7.18 16.32
N PRO B 275 35.86 -6.72 16.23
CA PRO B 275 36.81 -6.82 17.34
C PRO B 275 36.51 -5.79 18.44
N ARG B 276 37.20 -5.88 19.58
CA ARG B 276 37.05 -4.88 20.68
C ARG B 276 37.80 -3.61 20.29
N PRO B 277 37.11 -2.44 20.19
CA PRO B 277 37.79 -1.16 19.92
C PRO B 277 38.90 -0.91 20.95
N ASP B 278 40.03 -0.39 20.51
CA ASP B 278 41.18 -0.10 21.42
C ASP B 278 40.71 0.86 22.52
N GLY B 279 40.84 0.45 23.78
CA GLY B 279 40.48 1.26 24.95
C GLY B 279 39.05 1.05 25.39
N CYS B 280 38.21 0.42 24.55
CA CYS B 280 36.79 0.13 24.92
C CYS B 280 36.74 -0.59 26.26
N PRO B 281 36.04 -0.05 27.28
CA PRO B 281 35.89 -0.73 28.56
C PRO B 281 35.25 -2.11 28.35
N ASP B 282 35.52 -3.06 29.25
CA ASP B 282 34.99 -4.45 29.14
C ASP B 282 33.46 -4.44 29.17
N GLU B 283 32.84 -3.63 30.01
CA GLU B 283 31.37 -3.60 30.16
C GLU B 283 30.75 -3.13 28.84
N ILE B 284 31.40 -2.21 28.13
CA ILE B 284 30.88 -1.67 26.84
C ILE B 284 31.03 -2.76 25.76
N TYR B 285 32.17 -3.44 25.72
CA TYR B 285 32.40 -4.53 24.72
C TYR B 285 31.46 -5.69 25.03
N MET B 286 31.25 -5.97 26.31
CA MET B 286 30.34 -7.05 26.75
C MET B 286 28.93 -6.71 26.22
N ILE B 287 28.56 -5.44 26.32
CA ILE B 287 27.24 -4.98 25.79
C ILE B 287 27.22 -5.21 24.27
N MET B 288 28.31 -4.91 23.56
CA MET B 288 28.33 -5.15 22.10
C MET B 288 28.12 -6.64 21.85
N THR B 289 28.90 -7.49 22.52
CA THR B 289 28.90 -8.94 22.19
C THR B 289 27.52 -9.54 22.47
N GLU B 290 26.75 -8.99 23.43
CA GLU B 290 25.41 -9.52 23.77
C GLU B 290 24.40 -9.07 22.71
N CYS B 291 24.56 -7.85 22.21
CA CYS B 291 23.77 -7.30 21.08
C CYS B 291 23.99 -8.18 19.86
N TRP B 292 25.19 -8.73 19.67
CA TRP B 292 25.52 -9.57 18.48
C TRP B 292 25.37 -11.06 18.78
N ASN B 293 24.40 -11.45 19.60
CA ASN B 293 24.02 -12.88 19.83
C ASN B 293 23.27 -13.35 18.58
N ASN B 294 23.56 -14.57 18.10
CA ASN B 294 22.87 -15.16 16.92
C ASN B 294 21.38 -15.30 17.26
N ASN B 295 21.06 -15.68 18.49
CA ASN B 295 19.67 -15.90 18.93
C ASN B 295 19.01 -14.55 19.24
N VAL B 296 17.98 -14.23 18.47
CA VAL B 296 17.16 -12.99 18.60
C VAL B 296 16.79 -12.78 20.09
N ASN B 297 16.40 -13.85 20.80
CA ASN B 297 15.75 -13.73 22.12
C ASN B 297 16.78 -13.61 23.24
N GLN B 298 18.07 -13.81 22.93
CA GLN B 298 19.11 -13.64 23.96
C GLN B 298 19.69 -12.22 23.85
N ARG B 299 19.22 -11.38 22.92
CA ARG B 299 19.76 -9.99 22.80
C ARG B 299 19.13 -9.13 23.90
N PRO B 300 19.87 -8.16 24.50
CA PRO B 300 19.32 -7.33 25.56
C PRO B 300 18.21 -6.43 25.01
N SER B 301 17.39 -5.87 25.91
CA SER B 301 16.35 -4.87 25.55
C SER B 301 17.00 -3.48 25.57
N PHE B 302 16.41 -2.51 24.88
CA PHE B 302 16.92 -1.11 24.88
C PHE B 302 16.75 -0.53 26.29
N ARG B 303 15.74 -0.98 27.04
CA ARG B 303 15.54 -0.53 28.45
C ARG B 303 16.72 -1.02 29.30
N ASP B 304 17.07 -2.30 29.20
CA ASP B 304 18.26 -2.86 29.88
C ASP B 304 19.51 -2.13 29.37
N LEU B 305 19.61 -1.82 28.08
CA LEU B 305 20.86 -1.22 27.53
C LEU B 305 20.98 0.22 28.10
N ALA B 306 19.87 0.95 28.12
CA ALA B 306 19.80 2.32 28.70
C ALA B 306 20.37 2.32 30.11
N LEU B 307 19.84 1.44 30.95
CA LEU B 307 20.18 1.34 32.38
C LEU B 307 21.67 1.02 32.53
N ARG B 308 22.12 0.00 31.81
CA ARG B 308 23.53 -0.46 31.87
C ARG B 308 24.46 0.70 31.48
N VAL B 309 24.20 1.34 30.35
CA VAL B 309 25.02 2.47 29.85
C VAL B 309 25.01 3.62 30.86
N ASP B 310 23.85 4.00 31.39
CA ASP B 310 23.74 5.12 32.35
C ASP B 310 24.63 4.83 33.57
N GLN B 311 24.59 3.60 34.10
CA GLN B 311 25.35 3.23 35.32
C GLN B 311 26.86 3.22 35.02
N ILE B 312 27.27 2.67 33.89
CA ILE B 312 28.70 2.60 33.48
C ILE B 312 29.23 4.03 33.38
N ARG B 313 28.44 4.93 32.80
CA ARG B 313 28.83 6.37 32.72
C ARG B 313 28.96 6.93 34.14
N ASP B 314 28.03 6.58 35.04
CA ASP B 314 28.03 7.07 36.43
C ASP B 314 29.27 6.53 37.16
N GLN B 315 29.65 5.29 36.90
CA GLN B 315 30.85 4.66 37.52
C GLN B 315 32.11 5.36 37.01
N MET B 316 32.14 5.73 35.73
CA MET B 316 33.28 6.44 35.12
C MET B 316 33.31 7.87 35.65
N ALA B 317 32.17 8.37 36.14
CA ALA B 317 32.01 9.74 36.69
C ALA B 317 32.17 10.73 35.53
#